data_3QSV
#
_entry.id   3QSV
#
_cell.length_a   178.357
_cell.length_b   35.354
_cell.length_c   139.544
_cell.angle_alpha   90.00
_cell.angle_beta   93.83
_cell.angle_gamma   90.00
#
_symmetry.space_group_name_H-M   'C 1 2 1'
#
loop_
_entity.id
_entity.type
_entity.pdbx_description
1 polymer 'Mothers against decapentaplegic homolog 4'
2 polymer "DNA (5'-D(P*TP*GP*CP*AP*GP*TP*CP*TP*AP*GP*AP*CP*TP*GP*CP*A)-3')"
3 non-polymer 'ZINC ION'
4 water water
#
loop_
_entity_poly.entity_id
_entity_poly.type
_entity_poly.pdbx_seq_one_letter_code
_entity_poly.pdbx_strand_id
1 'polypeptide(L)'
;TPTSNDACLSIVHSLMCHRQGGESETFAKRAIESLVKKLKEKKDELDSLITAITTNGAHPSKCVTIQRTLDGRLQVAGRK
GFPHVIYARLWRWPDLHKNELKHVKYCQYAFDLKCDSVCVNPYHYERVVSPG
;
A,B,C,D
2 'polydeoxyribonucleotide' (DT)(DG)(DC)(DA)(DG)(DT)(DC)(DT)(DA)(DG)(DA)(DC)(DT)(DG)(DC)(DA) E,F,G,H
#
# COMPACT_ATOMS: atom_id res chain seq x y z
N PRO A 2 -23.52 38.89 -16.47
CA PRO A 2 -24.20 38.06 -17.47
C PRO A 2 -23.19 37.49 -18.47
N THR A 3 -23.57 36.44 -19.19
CA THR A 3 -22.67 35.83 -20.16
C THR A 3 -23.42 34.94 -21.13
N SER A 4 -23.19 35.15 -22.43
CA SER A 4 -23.74 34.28 -23.46
C SER A 4 -22.64 33.39 -24.00
N ASN A 5 -22.63 33.15 -25.31
CA ASN A 5 -21.58 32.33 -25.92
C ASN A 5 -20.37 33.16 -26.37
N ASP A 6 -19.54 33.50 -25.39
CA ASP A 6 -18.28 34.22 -25.61
C ASP A 6 -17.15 33.28 -25.28
N ALA A 7 -16.01 33.84 -24.87
CA ALA A 7 -14.84 33.03 -24.53
C ALA A 7 -15.13 32.04 -23.41
N CYS A 8 -14.68 30.80 -23.58
CA CYS A 8 -14.87 29.78 -22.56
C CYS A 8 -14.46 30.29 -21.20
N LEU A 9 -13.31 30.95 -21.13
CA LEU A 9 -12.77 31.43 -19.86
C LEU A 9 -13.80 32.28 -19.12
N SER A 10 -14.35 33.28 -19.80
CA SER A 10 -15.37 34.11 -19.22
C SER A 10 -16.52 33.26 -18.70
N ILE A 11 -17.01 32.37 -19.57
CA ILE A 11 -18.10 31.47 -19.22
C ILE A 11 -17.74 30.59 -18.04
N VAL A 12 -16.60 29.92 -18.12
CA VAL A 12 -16.15 29.07 -17.04
C VAL A 12 -16.19 29.86 -15.74
N HIS A 13 -15.79 31.12 -15.81
CA HIS A 13 -15.72 31.93 -14.62
C HIS A 13 -17.11 32.20 -14.09
N SER A 14 -17.96 32.76 -14.94
CA SER A 14 -19.34 33.01 -14.55
C SER A 14 -19.87 31.81 -13.80
N LEU A 15 -19.76 30.64 -14.41
CA LEU A 15 -20.34 29.43 -13.83
C LEU A 15 -19.67 29.04 -12.52
N MET A 16 -18.35 29.28 -12.45
CA MET A 16 -17.61 28.97 -11.23
C MET A 16 -18.23 29.70 -10.05
N CYS A 17 -18.65 30.93 -10.27
CA CYS A 17 -19.22 31.75 -9.20
C CYS A 17 -20.49 31.15 -8.62
N HIS A 18 -21.07 30.19 -9.32
CA HIS A 18 -22.28 29.55 -8.83
C HIS A 18 -22.02 28.22 -8.12
N ARG A 19 -20.75 27.80 -8.08
CA ARG A 19 -20.41 26.56 -7.42
C ARG A 19 -20.74 26.66 -5.93
N GLN A 20 -20.86 25.51 -5.27
CA GLN A 20 -21.26 25.48 -3.88
C GLN A 20 -20.08 25.13 -2.98
N GLY A 21 -18.91 24.97 -3.59
CA GLY A 21 -17.71 24.58 -2.86
C GLY A 21 -17.76 23.15 -2.35
N GLY A 22 -18.37 22.26 -3.14
CA GLY A 22 -18.43 20.85 -2.79
C GLY A 22 -17.07 20.20 -2.96
N GLU A 23 -16.28 20.75 -3.87
CA GLU A 23 -14.90 20.31 -4.03
C GLU A 23 -13.99 21.50 -4.27
N SER A 24 -12.72 21.20 -4.55
CA SER A 24 -11.70 22.22 -4.65
C SER A 24 -11.91 23.18 -5.83
N GLU A 25 -11.27 24.35 -5.74
CA GLU A 25 -11.29 25.31 -6.84
C GLU A 25 -10.94 24.63 -8.16
N THR A 26 -9.85 23.86 -8.14
CA THR A 26 -9.31 23.28 -9.36
C THR A 26 -10.20 22.20 -9.97
N PHE A 27 -10.78 21.36 -9.12
CA PHE A 27 -11.67 20.32 -9.64
C PHE A 27 -12.84 20.93 -10.40
N ALA A 28 -13.60 21.80 -9.72
CA ALA A 28 -14.72 22.49 -10.32
C ALA A 28 -14.34 23.18 -11.64
N LYS A 29 -13.21 23.88 -11.63
CA LYS A 29 -12.74 24.54 -12.83
C LYS A 29 -12.60 23.51 -13.96
N ARG A 30 -11.96 22.39 -13.64
CA ARG A 30 -11.72 21.39 -14.67
C ARG A 30 -13.06 20.81 -15.15
N ALA A 31 -13.87 20.37 -14.19
CA ALA A 31 -15.18 19.82 -14.51
C ALA A 31 -15.97 20.76 -15.41
N ILE A 32 -15.94 22.05 -15.09
CA ILE A 32 -16.73 23.02 -15.84
C ILE A 32 -16.12 23.31 -17.21
N GLU A 33 -14.80 23.42 -17.28
CA GLU A 33 -14.13 23.62 -18.55
C GLU A 33 -14.37 22.42 -19.46
N SER A 34 -14.25 21.24 -18.88
CA SER A 34 -14.59 20.01 -19.57
C SER A 34 -15.95 20.16 -20.26
N LEU A 35 -16.92 20.67 -19.50
CA LEU A 35 -18.31 20.67 -19.96
C LEU A 35 -18.60 21.79 -20.96
N VAL A 36 -18.00 22.95 -20.72
CA VAL A 36 -18.16 24.07 -21.63
C VAL A 36 -17.62 23.72 -23.01
N LYS A 37 -16.39 23.19 -23.05
CA LYS A 37 -15.80 22.77 -24.31
C LYS A 37 -16.75 21.86 -25.09
N LYS A 38 -17.19 20.79 -24.45
CA LYS A 38 -18.12 19.86 -25.08
C LYS A 38 -19.34 20.59 -25.62
N LEU A 39 -19.82 21.58 -24.87
CA LEU A 39 -21.08 22.27 -25.20
C LEU A 39 -20.93 23.35 -26.26
N LYS A 40 -19.69 23.69 -26.59
CA LYS A 40 -19.46 24.67 -27.63
C LYS A 40 -19.87 24.10 -28.99
N GLU A 41 -20.07 22.78 -29.03
CA GLU A 41 -20.55 22.14 -30.24
C GLU A 41 -22.07 22.20 -30.30
N LYS A 42 -22.69 22.51 -29.17
CA LYS A 42 -24.15 22.59 -29.08
C LYS A 42 -24.55 23.88 -28.36
N LYS A 43 -24.24 25.01 -28.98
CA LYS A 43 -24.40 26.31 -28.34
C LYS A 43 -25.83 26.62 -27.86
N ASP A 44 -26.81 25.89 -28.39
CA ASP A 44 -28.17 26.02 -27.90
C ASP A 44 -28.23 25.47 -26.50
N GLU A 45 -27.53 24.36 -26.28
CA GLU A 45 -27.53 23.71 -24.98
C GLU A 45 -26.60 24.42 -24.01
N LEU A 46 -25.50 24.96 -24.52
CA LEU A 46 -24.64 25.80 -23.69
C LEU A 46 -25.44 26.99 -23.11
N ASP A 47 -26.18 27.68 -23.96
CA ASP A 47 -27.01 28.77 -23.51
C ASP A 47 -28.02 28.31 -22.47
N SER A 48 -28.63 27.16 -22.72
CA SER A 48 -29.61 26.59 -21.78
C SER A 48 -28.98 26.32 -20.42
N LEU A 49 -27.72 25.88 -20.43
CA LEU A 49 -27.01 25.60 -19.19
C LEU A 49 -26.75 26.91 -18.44
N ILE A 50 -26.26 27.90 -19.17
CA ILE A 50 -25.99 29.19 -18.59
C ILE A 50 -27.23 29.80 -17.92
N THR A 51 -28.34 29.81 -18.65
CA THR A 51 -29.56 30.42 -18.11
C THR A 51 -30.10 29.66 -16.90
N ALA A 52 -30.07 28.33 -16.96
CA ALA A 52 -30.52 27.54 -15.83
C ALA A 52 -29.72 27.86 -14.57
N ILE A 53 -28.40 27.74 -14.67
CA ILE A 53 -27.52 27.98 -13.54
C ILE A 53 -27.61 29.42 -12.99
N THR A 54 -27.64 30.39 -13.87
CA THR A 54 -27.66 31.79 -13.44
C THR A 54 -29.01 32.23 -12.90
N THR A 55 -30.06 31.51 -13.25
CA THR A 55 -31.39 31.86 -12.76
C THR A 55 -31.82 30.89 -11.68
N ASN A 56 -30.91 29.99 -11.31
CA ASN A 56 -31.21 29.00 -10.28
C ASN A 56 -32.55 28.31 -10.54
N GLY A 57 -32.84 28.05 -11.81
CA GLY A 57 -34.03 27.29 -12.16
C GLY A 57 -35.31 28.09 -12.06
N ALA A 58 -35.19 29.41 -12.21
CA ALA A 58 -36.35 30.28 -12.17
C ALA A 58 -37.34 29.89 -13.25
N HIS A 59 -36.84 29.33 -14.33
CA HIS A 59 -37.68 28.91 -15.45
C HIS A 59 -37.32 27.51 -15.91
N PRO A 60 -38.23 26.87 -16.66
CA PRO A 60 -37.99 25.51 -17.12
C PRO A 60 -36.90 25.54 -18.18
N SER A 61 -36.05 24.53 -18.22
CA SER A 61 -34.94 24.52 -19.16
C SER A 61 -34.90 23.24 -19.99
N LYS A 62 -34.41 23.37 -21.21
CA LYS A 62 -34.22 22.20 -22.06
C LYS A 62 -33.10 21.36 -21.47
N CYS A 63 -33.01 20.10 -21.89
CA CYS A 63 -31.91 19.23 -21.45
C CYS A 63 -30.55 19.70 -21.94
N VAL A 64 -29.53 19.38 -21.15
CA VAL A 64 -28.15 19.75 -21.46
C VAL A 64 -27.32 18.48 -21.44
N THR A 65 -26.89 18.04 -22.60
CA THR A 65 -26.42 16.67 -22.73
C THR A 65 -24.98 16.52 -23.23
N ILE A 66 -24.32 15.47 -22.72
CA ILE A 66 -23.04 15.02 -23.23
C ILE A 66 -23.18 13.55 -23.62
N GLN A 67 -22.17 13.00 -24.29
CA GLN A 67 -22.26 11.61 -24.72
C GLN A 67 -22.06 10.63 -23.57
N ARG A 68 -22.94 9.64 -23.48
CA ARG A 68 -22.79 8.57 -22.51
C ARG A 68 -21.52 7.76 -22.80
N THR A 69 -20.74 7.52 -21.76
CA THR A 69 -19.61 6.60 -21.84
C THR A 69 -20.14 5.20 -21.56
N LEU A 70 -19.41 4.19 -22.00
CA LEU A 70 -19.87 2.81 -21.88
C LEU A 70 -20.28 2.43 -20.45
N ASP A 71 -19.44 2.78 -19.48
CA ASP A 71 -19.71 2.41 -18.09
C ASP A 71 -20.46 3.52 -17.36
N GLY A 72 -20.80 4.58 -18.08
CA GLY A 72 -21.60 5.65 -17.53
C GLY A 72 -20.78 6.75 -16.87
N ARG A 73 -19.58 6.41 -16.45
CA ARG A 73 -18.76 7.32 -15.65
C ARG A 73 -18.10 8.45 -16.44
N LEU A 74 -17.85 9.55 -15.75
CA LEU A 74 -17.09 10.67 -16.29
C LEU A 74 -15.86 10.88 -15.44
N GLN A 75 -14.71 11.00 -16.09
CA GLN A 75 -13.48 11.25 -15.38
C GLN A 75 -13.17 12.73 -15.49
N VAL A 76 -12.83 13.32 -14.35
CA VAL A 76 -12.49 14.74 -14.30
C VAL A 76 -11.25 14.85 -13.45
N ALA A 77 -10.20 15.45 -14.01
CA ALA A 77 -8.93 15.55 -13.31
C ALA A 77 -8.57 14.25 -12.60
N GLY A 78 -8.69 13.14 -13.30
CA GLY A 78 -8.23 11.86 -12.77
C GLY A 78 -9.18 11.18 -11.83
N ARG A 79 -10.21 11.92 -11.38
CA ARG A 79 -11.22 11.35 -10.50
C ARG A 79 -12.41 10.78 -11.28
N LYS A 80 -12.89 9.61 -10.88
CA LYS A 80 -13.99 8.94 -11.56
C LYS A 80 -15.31 9.19 -10.87
N GLY A 81 -16.30 9.67 -11.61
CA GLY A 81 -17.63 9.86 -11.05
C GLY A 81 -18.74 9.65 -12.07
N PHE A 82 -19.97 9.91 -11.65
CA PHE A 82 -21.08 9.90 -12.58
C PHE A 82 -21.48 11.32 -12.94
N PRO A 83 -21.62 11.59 -14.25
CA PRO A 83 -21.74 12.95 -14.79
C PRO A 83 -22.86 13.77 -14.17
N HIS A 84 -24.09 13.26 -14.20
CA HIS A 84 -25.22 14.01 -13.66
C HIS A 84 -24.96 14.41 -12.22
N VAL A 85 -24.41 13.46 -11.45
CA VAL A 85 -24.10 13.67 -10.05
C VAL A 85 -23.02 14.73 -9.85
N ILE A 86 -21.95 14.62 -10.62
CA ILE A 86 -20.85 15.55 -10.52
C ILE A 86 -21.33 17.00 -10.61
N TYR A 87 -22.14 17.29 -11.62
CA TYR A 87 -22.56 18.67 -11.88
C TYR A 87 -23.68 19.13 -10.96
N ALA A 88 -24.45 18.18 -10.45
CA ALA A 88 -25.48 18.49 -9.48
C ALA A 88 -24.81 18.82 -8.16
N ARG A 89 -23.67 18.18 -7.90
CA ARG A 89 -22.93 18.44 -6.68
C ARG A 89 -22.33 19.83 -6.75
N LEU A 90 -21.88 20.22 -7.93
CA LEU A 90 -21.24 21.53 -8.11
C LEU A 90 -22.21 22.69 -7.97
N TRP A 91 -23.43 22.51 -8.44
CA TRP A 91 -24.33 23.65 -8.59
C TRP A 91 -25.58 23.64 -7.70
N ARG A 92 -25.83 22.54 -6.99
CA ARG A 92 -27.02 22.51 -6.14
C ARG A 92 -26.80 21.86 -4.77
N TRP A 93 -26.06 20.76 -4.74
CA TRP A 93 -25.96 19.97 -3.52
C TRP A 93 -24.55 19.45 -3.26
N PRO A 94 -23.77 20.20 -2.47
CA PRO A 94 -22.33 20.00 -2.26
C PRO A 94 -21.97 18.65 -1.66
N ASP A 95 -22.90 18.05 -0.91
CA ASP A 95 -22.64 16.77 -0.26
C ASP A 95 -23.53 15.67 -0.85
N LEU A 96 -23.68 15.69 -2.16
CA LEU A 96 -24.49 14.73 -2.87
C LEU A 96 -23.82 13.37 -2.92
N HIS A 97 -24.62 12.30 -3.05
CA HIS A 97 -24.09 10.94 -3.15
C HIS A 97 -24.61 10.20 -4.39
N LYS A 98 -23.83 9.22 -4.84
CA LYS A 98 -24.05 8.54 -6.11
C LYS A 98 -25.50 8.19 -6.43
N ASN A 99 -26.13 7.41 -5.55
CA ASN A 99 -27.50 6.97 -5.79
C ASN A 99 -28.52 7.85 -5.09
N GLU A 100 -28.21 9.14 -4.98
CA GLU A 100 -29.07 10.03 -4.23
C GLU A 100 -30.03 10.88 -5.06
N LEU A 101 -29.96 10.81 -6.39
CA LEU A 101 -30.88 11.63 -7.17
C LEU A 101 -31.73 10.91 -8.23
N LYS A 102 -32.98 11.32 -8.31
CA LYS A 102 -33.90 10.85 -9.33
C LYS A 102 -34.13 11.98 -10.33
N HIS A 103 -34.55 11.64 -11.55
CA HIS A 103 -34.70 12.64 -12.59
C HIS A 103 -36.15 13.12 -12.75
N VAL A 104 -36.29 14.27 -13.40
CA VAL A 104 -37.57 14.91 -13.61
C VAL A 104 -38.37 14.27 -14.76
N LYS A 105 -39.65 14.06 -14.53
CA LYS A 105 -40.50 13.34 -15.50
C LYS A 105 -40.37 13.85 -16.95
N TYR A 106 -39.88 15.08 -17.12
CA TYR A 106 -39.80 15.62 -18.48
C TYR A 106 -38.39 15.64 -19.08
N CYS A 107 -37.41 15.15 -18.31
CA CYS A 107 -36.03 14.95 -18.81
C CYS A 107 -36.03 13.78 -19.78
N GLN A 108 -35.70 14.05 -21.03
CA GLN A 108 -35.73 12.99 -22.02
C GLN A 108 -34.42 12.20 -22.07
N TYR A 109 -33.34 12.78 -21.54
CA TYR A 109 -32.06 12.10 -21.60
C TYR A 109 -31.47 11.84 -20.22
N ALA A 110 -32.35 11.56 -19.26
CA ALA A 110 -31.90 11.32 -17.89
C ALA A 110 -30.92 10.16 -17.85
N PHE A 111 -29.99 10.23 -16.91
CA PHE A 111 -28.93 9.25 -16.76
C PHE A 111 -29.47 7.82 -16.70
N ASP A 112 -30.47 7.60 -15.87
CA ASP A 112 -30.98 6.25 -15.66
C ASP A 112 -31.58 5.65 -16.94
N LEU A 113 -31.92 6.52 -17.88
CA LEU A 113 -32.56 6.10 -19.11
C LEU A 113 -31.58 5.40 -20.04
N LYS A 114 -30.30 5.72 -19.88
CA LYS A 114 -29.24 5.10 -20.66
C LYS A 114 -29.44 5.29 -22.16
N CYS A 115 -29.69 6.55 -22.54
CA CYS A 115 -29.71 6.93 -23.94
C CYS A 115 -28.27 7.12 -24.39
N ASP A 116 -28.07 7.27 -25.69
CA ASP A 116 -26.74 7.54 -26.21
C ASP A 116 -26.22 8.83 -25.59
N SER A 117 -27.16 9.73 -25.26
CA SER A 117 -26.81 10.97 -24.59
C SER A 117 -27.20 10.92 -23.12
N VAL A 118 -26.69 11.86 -22.34
CA VAL A 118 -27.01 11.95 -20.93
C VAL A 118 -27.18 13.40 -20.53
N CYS A 119 -28.29 13.71 -19.86
CA CYS A 119 -28.49 15.06 -19.40
C CYS A 119 -27.68 15.30 -18.14
N VAL A 120 -27.08 16.49 -18.05
CA VAL A 120 -26.35 16.88 -16.84
C VAL A 120 -26.95 18.12 -16.17
N ASN A 121 -27.97 18.70 -16.79
CA ASN A 121 -28.70 19.84 -16.21
C ASN A 121 -29.25 19.53 -14.82
N PRO A 122 -28.68 20.17 -13.78
CA PRO A 122 -28.95 19.82 -12.38
C PRO A 122 -30.38 20.12 -11.96
N TYR A 123 -31.07 20.95 -12.73
CA TYR A 123 -32.46 21.26 -12.43
C TYR A 123 -33.42 20.28 -13.12
N HIS A 124 -32.86 19.24 -13.72
CA HIS A 124 -33.64 18.15 -14.28
C HIS A 124 -33.57 16.93 -13.37
N TYR A 125 -32.99 17.12 -12.19
CA TYR A 125 -32.93 16.05 -11.21
C TYR A 125 -33.40 16.55 -9.86
N GLU A 126 -33.80 15.61 -9.00
CA GLU A 126 -34.29 15.91 -7.66
C GLU A 126 -33.49 15.09 -6.67
N ARG A 127 -33.17 15.67 -5.53
CA ARG A 127 -32.44 14.93 -4.51
C ARG A 127 -33.36 13.98 -3.76
N VAL A 128 -33.13 12.68 -3.95
CA VAL A 128 -33.86 11.66 -3.21
C VAL A 128 -32.88 10.82 -2.39
N VAL A 129 -32.63 11.27 -1.17
CA VAL A 129 -31.76 10.61 -0.21
C VAL A 129 -32.05 9.11 -0.09
N SER A 130 -31.03 8.33 0.29
CA SER A 130 -31.18 6.89 0.48
C SER A 130 -31.69 6.19 -0.78
N PRO B 2 -19.69 -4.62 43.78
CA PRO B 2 -18.39 -4.31 44.39
C PRO B 2 -17.39 -5.42 44.09
N THR B 3 -16.10 -5.11 44.21
CA THR B 3 -15.06 -6.10 43.93
C THR B 3 -13.72 -5.70 44.53
N SER B 4 -13.11 -6.62 45.27
CA SER B 4 -11.77 -6.41 45.80
C SER B 4 -10.77 -7.23 44.98
N ASN B 5 -9.80 -7.83 45.65
CA ASN B 5 -8.83 -8.68 44.97
C ASN B 5 -9.27 -10.15 44.91
N ASP B 6 -10.18 -10.42 43.98
CA ASP B 6 -10.66 -11.76 43.70
C ASP B 6 -10.18 -12.16 42.30
N ALA B 7 -10.92 -13.05 41.64
CA ALA B 7 -10.56 -13.51 40.31
C ALA B 7 -10.44 -12.36 39.32
N CYS B 8 -9.39 -12.39 38.49
CA CYS B 8 -9.19 -11.36 37.48
C CYS B 8 -10.47 -11.15 36.67
N LEU B 9 -11.07 -12.26 36.26
CA LEU B 9 -12.26 -12.19 35.41
C LEU B 9 -13.33 -11.30 36.03
N SER B 10 -13.68 -11.58 37.28
CA SER B 10 -14.64 -10.76 38.00
C SER B 10 -14.22 -9.28 37.96
N ILE B 11 -12.97 -9.05 38.32
CA ILE B 11 -12.43 -7.69 38.34
C ILE B 11 -12.47 -7.05 36.96
N VAL B 12 -11.95 -7.76 35.97
CA VAL B 12 -11.98 -7.26 34.61
C VAL B 12 -13.38 -6.83 34.24
N HIS B 13 -14.36 -7.62 34.68
CA HIS B 13 -15.74 -7.35 34.33
C HIS B 13 -16.21 -6.08 35.02
N SER B 14 -16.05 -6.03 36.34
CA SER B 14 -16.44 -4.86 37.09
C SER B 14 -15.95 -3.64 36.34
N LEU B 15 -14.65 -3.64 36.03
CA LEU B 15 -14.02 -2.47 35.44
C LEU B 15 -14.55 -2.20 34.03
N MET B 16 -14.82 -3.26 33.30
CA MET B 16 -15.38 -3.13 31.96
C MET B 16 -16.66 -2.29 31.99
N CYS B 17 -17.48 -2.50 33.01
CA CYS B 17 -18.75 -1.79 33.13
C CYS B 17 -18.57 -0.29 33.28
N HIS B 18 -17.35 0.14 33.58
CA HIS B 18 -17.07 1.56 33.69
C HIS B 18 -16.47 2.17 32.44
N ARG B 19 -16.21 1.36 31.43
CA ARG B 19 -15.68 1.87 30.17
C ARG B 19 -16.66 2.85 29.53
N GLN B 20 -16.16 3.68 28.63
CA GLN B 20 -16.97 4.73 28.02
C GLN B 20 -17.29 4.39 26.56
N GLY B 21 -16.86 3.21 26.12
CA GLY B 21 -17.07 2.78 24.74
C GLY B 21 -16.24 3.58 23.75
N GLY B 22 -15.03 3.95 24.15
CA GLY B 22 -14.14 4.66 23.26
C GLY B 22 -13.58 3.74 22.20
N GLU B 23 -13.48 2.46 22.54
CA GLU B 23 -13.11 1.45 21.56
C GLU B 23 -13.95 0.19 21.74
N SER B 24 -13.62 -0.84 20.98
CA SER B 24 -14.42 -2.06 20.92
C SER B 24 -14.42 -2.83 22.25
N GLU B 25 -15.41 -3.71 22.40
CA GLU B 25 -15.50 -4.57 23.57
C GLU B 25 -14.19 -5.28 23.79
N THR B 26 -13.63 -5.85 22.72
CA THR B 26 -12.46 -6.71 22.83
C THR B 26 -11.19 -5.96 23.19
N PHE B 27 -11.01 -4.76 22.63
CA PHE B 27 -9.83 -3.97 22.96
C PHE B 27 -9.79 -3.65 24.44
N ALA B 28 -10.85 -3.00 24.92
CA ALA B 28 -10.98 -2.66 26.34
C ALA B 28 -10.73 -3.87 27.24
N LYS B 29 -11.35 -5.01 26.91
CA LYS B 29 -11.15 -6.22 27.68
C LYS B 29 -9.67 -6.55 27.74
N ARG B 30 -9.00 -6.48 26.59
CA ARG B 30 -7.60 -6.85 26.56
C ARG B 30 -6.79 -5.85 27.36
N ALA B 31 -6.99 -4.57 27.08
CA ALA B 31 -6.29 -3.52 27.80
C ALA B 31 -6.44 -3.69 29.30
N ILE B 32 -7.64 -4.01 29.75
CA ILE B 32 -7.90 -4.09 31.18
C ILE B 32 -7.32 -5.38 31.78
N GLU B 33 -7.43 -6.49 31.03
CA GLU B 33 -6.84 -7.74 31.49
C GLU B 33 -5.33 -7.60 31.58
N SER B 34 -4.76 -6.98 30.55
CA SER B 34 -3.36 -6.63 30.57
C SER B 34 -2.98 -5.96 31.88
N LEU B 35 -3.78 -4.98 32.29
CA LEU B 35 -3.44 -4.13 33.44
C LEU B 35 -3.70 -4.82 34.76
N VAL B 36 -4.79 -5.58 34.83
CA VAL B 36 -5.12 -6.30 36.05
C VAL B 36 -4.04 -7.31 36.39
N LYS B 37 -3.65 -8.11 35.40
CA LYS B 37 -2.56 -9.08 35.57
C LYS B 37 -1.33 -8.41 36.16
N LYS B 38 -0.85 -7.35 35.50
CA LYS B 38 0.31 -6.62 35.99
C LYS B 38 0.13 -6.19 37.44
N LEU B 39 -1.09 -5.78 37.80
CA LEU B 39 -1.36 -5.19 39.11
C LEU B 39 -1.57 -6.23 40.19
N LYS B 40 -1.70 -7.49 39.80
CA LYS B 40 -1.85 -8.55 40.79
C LYS B 40 -0.55 -8.71 41.58
N GLU B 41 0.52 -8.12 41.06
CA GLU B 41 1.80 -8.13 41.75
C GLU B 41 1.87 -6.99 42.76
N LYS B 42 0.96 -6.03 42.61
CA LYS B 42 0.92 -4.87 43.50
C LYS B 42 -0.52 -4.64 43.97
N LYS B 43 -1.04 -5.59 44.73
CA LYS B 43 -2.46 -5.59 45.10
C LYS B 43 -2.93 -4.33 45.84
N ASP B 44 -1.97 -3.59 46.40
CA ASP B 44 -2.31 -2.31 47.01
C ASP B 44 -2.74 -1.34 45.93
N GLU B 45 -2.04 -1.39 44.80
CA GLU B 45 -2.32 -0.51 43.69
C GLU B 45 -3.53 -0.99 42.91
N LEU B 46 -3.69 -2.30 42.81
CA LEU B 46 -4.88 -2.85 42.19
C LEU B 46 -6.14 -2.35 42.93
N ASP B 47 -6.12 -2.43 44.26
CA ASP B 47 -7.23 -1.95 45.06
C ASP B 47 -7.46 -0.45 44.81
N SER B 48 -6.37 0.30 44.73
CA SER B 48 -6.44 1.73 44.50
C SER B 48 -7.09 2.04 43.15
N LEU B 49 -6.80 1.21 42.16
CA LEU B 49 -7.38 1.37 40.83
C LEU B 49 -8.87 1.08 40.87
N ILE B 50 -9.24 -0.02 41.53
CA ILE B 50 -10.63 -0.38 41.67
C ILE B 50 -11.44 0.74 42.32
N THR B 51 -10.98 1.23 43.46
CA THR B 51 -11.73 2.25 44.20
C THR B 51 -11.84 3.56 43.43
N ALA B 52 -10.76 3.97 42.77
CA ALA B 52 -10.79 5.18 41.95
C ALA B 52 -11.87 5.08 40.86
N ILE B 53 -11.76 4.04 40.04
CA ILE B 53 -12.70 3.83 38.94
C ILE B 53 -14.16 3.69 39.40
N THR B 54 -14.40 2.92 40.45
CA THR B 54 -15.77 2.66 40.90
C THR B 54 -16.37 3.85 41.64
N THR B 55 -15.54 4.74 42.15
CA THR B 55 -16.05 5.92 42.83
C THR B 55 -15.91 7.15 41.96
N ASN B 56 -15.46 6.94 40.72
CA ASN B 56 -15.32 8.05 39.79
C ASN B 56 -14.56 9.20 40.41
N GLY B 57 -13.56 8.88 41.23
CA GLY B 57 -12.68 9.88 41.80
C GLY B 57 -13.31 10.68 42.92
N ALA B 58 -14.27 10.06 43.60
CA ALA B 58 -14.93 10.68 44.74
C ALA B 58 -13.91 11.06 45.80
N HIS B 59 -12.83 10.29 45.86
CA HIS B 59 -11.77 10.52 46.85
C HIS B 59 -10.40 10.50 46.17
N PRO B 60 -9.40 11.05 46.85
CA PRO B 60 -8.04 11.09 46.30
C PRO B 60 -7.48 9.68 46.30
N SER B 61 -6.68 9.35 45.29
CA SER B 61 -6.16 8.00 45.16
C SER B 61 -4.66 7.98 44.97
N LYS B 62 -4.01 6.93 45.47
CA LYS B 62 -2.58 6.77 45.28
C LYS B 62 -2.34 6.46 43.82
N CYS B 63 -1.09 6.62 43.38
CA CYS B 63 -0.73 6.29 42.00
C CYS B 63 -0.87 4.81 41.69
N VAL B 64 -1.18 4.52 40.43
CA VAL B 64 -1.33 3.15 39.94
C VAL B 64 -0.39 2.95 38.76
N THR B 65 0.68 2.19 39.00
CA THR B 65 1.81 2.21 38.07
C THR B 65 2.15 0.87 37.40
N ILE B 66 2.65 0.98 36.16
CA ILE B 66 3.26 -0.13 35.46
C ILE B 66 4.65 0.30 35.03
N GLN B 67 5.44 -0.63 34.52
CA GLN B 67 6.81 -0.29 34.14
C GLN B 67 6.86 0.48 32.83
N ARG B 68 7.63 1.57 32.82
CA ARG B 68 7.88 2.32 31.61
C ARG B 68 8.62 1.47 30.59
N THR B 69 8.13 1.47 29.35
CA THR B 69 8.83 0.87 28.24
C THR B 69 9.79 1.90 27.69
N LEU B 70 10.83 1.45 26.99
CA LEU B 70 11.87 2.36 26.50
C LEU B 70 11.32 3.53 25.70
N ASP B 71 10.41 3.25 24.77
CA ASP B 71 9.86 4.30 23.92
C ASP B 71 8.57 4.87 24.49
N GLY B 72 8.20 4.41 25.68
CA GLY B 72 7.04 4.94 26.39
C GLY B 72 5.74 4.26 26.03
N ARG B 73 5.68 3.65 24.86
CA ARG B 73 4.43 3.09 24.35
C ARG B 73 4.01 1.77 24.99
N LEU B 74 2.70 1.54 25.01
CA LEU B 74 2.13 0.27 25.42
C LEU B 74 1.38 -0.35 24.24
N GLN B 75 1.63 -1.62 23.99
CA GLN B 75 0.94 -2.31 22.92
C GLN B 75 -0.18 -3.13 23.54
N VAL B 76 -1.36 -3.02 22.95
CA VAL B 76 -2.52 -3.75 23.43
C VAL B 76 -3.18 -4.35 22.19
N ALA B 77 -3.37 -5.65 22.20
CA ALA B 77 -3.96 -6.33 21.04
C ALA B 77 -3.38 -5.79 19.74
N GLY B 78 -2.07 -5.66 19.68
CA GLY B 78 -1.39 -5.30 18.44
C GLY B 78 -1.40 -3.83 18.11
N ARG B 79 -2.20 -3.07 18.84
CA ARG B 79 -2.25 -1.62 18.65
C ARG B 79 -1.26 -0.90 19.56
N LYS B 80 -0.57 0.09 19.00
CA LYS B 80 0.44 0.85 19.77
C LYS B 80 -0.12 2.17 20.29
N GLY B 81 0.01 2.39 21.59
CA GLY B 81 -0.43 3.66 22.16
C GLY B 81 0.40 4.06 23.36
N PHE B 82 0.00 5.16 24.00
CA PHE B 82 0.65 5.58 25.24
C PHE B 82 -0.24 5.21 26.42
N PRO B 83 0.35 4.55 27.43
CA PRO B 83 -0.37 3.89 28.51
C PRO B 83 -1.35 4.80 29.26
N HIS B 84 -0.87 5.92 29.78
CA HIS B 84 -1.74 6.83 30.52
C HIS B 84 -2.94 7.21 29.68
N VAL B 85 -2.68 7.50 28.41
CA VAL B 85 -3.73 7.90 27.48
C VAL B 85 -4.75 6.79 27.23
N ILE B 86 -4.24 5.59 26.98
CA ILE B 86 -5.10 4.46 26.72
C ILE B 86 -6.16 4.29 27.81
N TYR B 87 -5.73 4.31 29.06
CA TYR B 87 -6.63 4.03 30.18
C TYR B 87 -7.51 5.22 30.54
N ALA B 88 -7.04 6.42 30.24
CA ALA B 88 -7.84 7.62 30.44
C ALA B 88 -8.93 7.64 29.39
N ARG B 89 -8.62 7.13 28.21
CA ARG B 89 -9.62 7.05 27.15
C ARG B 89 -10.71 6.06 27.53
N LEU B 90 -10.32 4.97 28.16
CA LEU B 90 -11.28 3.93 28.54
C LEU B 90 -12.22 4.35 29.66
N TRP B 91 -11.71 5.14 30.60
CA TRP B 91 -12.45 5.38 31.82
C TRP B 91 -12.94 6.81 32.05
N ARG B 92 -12.50 7.75 31.22
CA ARG B 92 -12.95 9.12 31.41
C ARG B 92 -13.31 9.86 30.13
N TRP B 93 -12.50 9.69 29.09
CA TRP B 93 -12.62 10.51 27.90
C TRP B 93 -12.43 9.71 26.61
N PRO B 94 -13.55 9.25 26.03
CA PRO B 94 -13.59 8.30 24.91
C PRO B 94 -12.91 8.80 23.65
N ASP B 95 -12.85 10.11 23.47
CA ASP B 95 -12.25 10.68 22.27
C ASP B 95 -11.00 11.47 22.61
N LEU B 96 -10.19 10.90 23.50
CA LEU B 96 -8.96 11.52 23.95
C LEU B 96 -7.89 11.44 22.87
N HIS B 97 -6.93 12.38 22.90
CA HIS B 97 -5.83 12.37 21.95
C HIS B 97 -4.45 12.40 22.64
N LYS B 98 -3.44 11.90 21.94
CA LYS B 98 -2.11 11.68 22.49
C LYS B 98 -1.57 12.78 23.39
N ASN B 99 -1.47 14.00 22.85
CA ASN B 99 -0.90 15.10 23.62
C ASN B 99 -1.98 15.95 24.27
N GLU B 100 -3.06 15.31 24.67
CA GLU B 100 -4.19 16.06 25.20
C GLU B 100 -4.29 16.10 26.72
N LEU B 101 -3.43 15.40 27.44
CA LEU B 101 -3.55 15.42 28.90
C LEU B 101 -2.30 15.79 29.69
N LYS B 102 -2.51 16.61 30.72
CA LYS B 102 -1.48 16.97 31.68
C LYS B 102 -1.75 16.23 32.98
N HIS B 103 -0.71 16.06 33.80
CA HIS B 103 -0.84 15.31 35.04
C HIS B 103 -1.06 16.19 36.26
N VAL B 104 -1.55 15.56 37.33
CA VAL B 104 -1.87 16.24 38.58
C VAL B 104 -0.63 16.51 39.42
N LYS B 105 -0.53 17.70 39.98
CA LYS B 105 0.67 18.12 40.71
C LYS B 105 1.15 17.12 41.76
N TYR B 106 0.27 16.21 42.19
CA TYR B 106 0.66 15.27 43.24
C TYR B 106 0.96 13.86 42.74
N CYS B 107 0.82 13.63 41.43
CA CYS B 107 1.20 12.36 40.79
C CYS B 107 2.71 12.27 40.75
N GLN B 108 3.26 11.29 41.45
CA GLN B 108 4.72 11.17 41.52
C GLN B 108 5.31 10.40 40.34
N TYR B 109 4.48 9.61 39.65
CA TYR B 109 4.98 8.80 38.55
C TYR B 109 4.30 9.14 37.23
N ALA B 110 3.97 10.41 37.04
CA ALA B 110 3.31 10.86 35.82
C ALA B 110 4.14 10.53 34.60
N PHE B 111 3.46 10.27 33.50
CA PHE B 111 4.10 9.83 32.27
C PHE B 111 5.21 10.79 31.82
N ASP B 112 4.94 12.09 31.86
CA ASP B 112 5.90 13.06 31.36
C ASP B 112 7.17 13.08 32.18
N LEU B 113 7.09 12.57 33.41
CA LEU B 113 8.21 12.58 34.34
C LEU B 113 9.29 11.58 33.92
N LYS B 114 8.88 10.55 33.19
CA LYS B 114 9.79 9.53 32.69
C LYS B 114 10.56 8.85 33.82
N CYS B 115 9.82 8.42 34.84
CA CYS B 115 10.38 7.58 35.89
C CYS B 115 10.44 6.16 35.38
N ASP B 116 11.11 5.28 36.11
CA ASP B 116 11.14 3.88 35.73
C ASP B 116 9.72 3.34 35.70
N SER B 117 8.86 3.92 36.52
CA SER B 117 7.45 3.55 36.54
C SER B 117 6.61 4.65 35.89
N VAL B 118 5.37 4.30 35.56
CA VAL B 118 4.44 5.25 34.96
C VAL B 118 3.06 5.07 35.56
N CYS B 119 2.47 6.17 35.99
CA CYS B 119 1.13 6.10 36.53
C CYS B 119 0.14 6.02 35.39
N VAL B 120 -0.89 5.19 35.56
CA VAL B 120 -1.99 5.10 34.59
C VAL B 120 -3.35 5.49 35.19
N ASN B 121 -3.37 5.78 36.49
CA ASN B 121 -4.59 6.22 37.16
C ASN B 121 -5.19 7.49 36.52
N PRO B 122 -6.35 7.34 35.87
CA PRO B 122 -6.92 8.39 35.00
C PRO B 122 -7.33 9.63 35.77
N TYR B 123 -7.51 9.51 37.09
CA TYR B 123 -7.85 10.65 37.92
C TYR B 123 -6.60 11.37 38.44
N HIS B 124 -5.44 10.98 37.93
CA HIS B 124 -4.20 11.69 38.20
C HIS B 124 -3.80 12.53 36.99
N TYR B 125 -4.70 12.61 36.02
CA TYR B 125 -4.46 13.44 34.85
C TYR B 125 -5.67 14.31 34.57
N GLU B 126 -5.43 15.41 33.84
CA GLU B 126 -6.46 16.36 33.47
C GLU B 126 -6.46 16.53 31.97
N ARG B 127 -7.64 16.66 31.38
CA ARG B 127 -7.72 16.86 29.93
C ARG B 127 -7.40 18.30 29.56
N VAL B 128 -6.28 18.49 28.88
CA VAL B 128 -5.90 19.79 28.37
C VAL B 128 -5.80 19.75 26.85
N VAL B 129 -6.90 20.05 26.17
CA VAL B 129 -6.92 19.98 24.71
C VAL B 129 -5.84 20.84 24.07
N SER B 130 -5.52 20.51 22.82
CA SER B 130 -4.50 21.23 22.07
C SER B 130 -3.16 21.23 22.79
N ASN C 5 19.26 -3.38 -2.69
CA ASN C 5 17.86 -3.63 -2.34
C ASN C 5 17.15 -4.43 -3.42
N ASP C 6 17.02 -3.83 -4.61
CA ASP C 6 16.42 -4.49 -5.76
C ASP C 6 17.03 -5.89 -5.95
N ALA C 7 18.25 -6.05 -5.45
CA ALA C 7 18.92 -7.34 -5.54
C ALA C 7 18.22 -8.39 -4.67
N CYS C 8 17.97 -8.02 -3.42
CA CYS C 8 17.33 -8.95 -2.48
C CYS C 8 15.96 -9.36 -2.99
N LEU C 9 15.21 -8.39 -3.52
CA LEU C 9 13.87 -8.64 -4.00
C LEU C 9 13.90 -9.57 -5.20
N SER C 10 14.86 -9.36 -6.09
CA SER C 10 15.05 -10.22 -7.24
C SER C 10 15.25 -11.66 -6.78
N ILE C 11 16.03 -11.83 -5.73
CA ILE C 11 16.35 -13.16 -5.20
C ILE C 11 15.12 -13.80 -4.55
N VAL C 12 14.44 -13.04 -3.71
CA VAL C 12 13.24 -13.51 -3.04
C VAL C 12 12.26 -14.15 -4.00
N HIS C 13 11.81 -13.37 -4.98
CA HIS C 13 10.77 -13.80 -5.89
C HIS C 13 11.21 -14.98 -6.77
N SER C 14 12.50 -15.04 -7.09
CA SER C 14 13.04 -16.18 -7.81
C SER C 14 12.83 -17.43 -6.98
N LEU C 15 13.26 -17.38 -5.72
CA LEU C 15 13.11 -18.50 -4.82
C LEU C 15 11.65 -18.89 -4.61
N MET C 16 10.76 -17.91 -4.80
CA MET C 16 9.33 -18.18 -4.71
C MET C 16 8.87 -19.18 -5.77
N CYS C 17 9.46 -19.10 -6.95
CA CYS C 17 9.10 -19.99 -8.06
C CYS C 17 9.36 -21.45 -7.73
N HIS C 18 10.29 -21.70 -6.82
CA HIS C 18 10.65 -23.07 -6.48
C HIS C 18 9.90 -23.59 -5.26
N ARG C 19 9.08 -22.72 -4.67
CA ARG C 19 8.28 -23.14 -3.54
C ARG C 19 7.31 -24.23 -3.99
N GLN C 20 7.17 -25.26 -3.18
CA GLN C 20 6.31 -26.40 -3.54
C GLN C 20 4.89 -26.19 -3.04
N GLY C 21 4.51 -24.93 -2.86
CA GLY C 21 3.16 -24.60 -2.43
C GLY C 21 2.80 -25.16 -1.08
N GLY C 22 3.81 -25.58 -0.32
CA GLY C 22 3.60 -26.16 0.99
C GLY C 22 2.78 -25.27 1.91
N GLU C 23 3.01 -23.97 1.80
CA GLU C 23 2.29 -22.99 2.62
C GLU C 23 1.62 -21.96 1.73
N SER C 24 0.97 -20.99 2.35
CA SER C 24 0.33 -19.91 1.61
C SER C 24 1.38 -19.10 0.87
N GLU C 25 0.95 -18.30 -0.10
CA GLU C 25 1.85 -17.44 -0.84
C GLU C 25 2.52 -16.42 0.08
N THR C 26 1.70 -15.68 0.83
CA THR C 26 2.24 -14.65 1.71
C THR C 26 3.23 -15.25 2.70
N PHE C 27 2.81 -16.27 3.44
CA PHE C 27 3.68 -16.92 4.41
C PHE C 27 5.04 -17.20 3.80
N ALA C 28 5.02 -17.84 2.62
CA ALA C 28 6.25 -18.16 1.92
C ALA C 28 7.12 -16.92 1.73
N LYS C 29 6.53 -15.84 1.21
CA LYS C 29 7.29 -14.64 0.95
C LYS C 29 7.90 -14.11 2.24
N ARG C 30 7.11 -14.09 3.30
CA ARG C 30 7.59 -13.59 4.58
C ARG C 30 8.76 -14.43 5.06
N ALA C 31 8.64 -15.75 4.96
CA ALA C 31 9.71 -16.65 5.40
C ALA C 31 10.97 -16.50 4.56
N ILE C 32 10.80 -16.26 3.26
CA ILE C 32 11.94 -16.09 2.37
C ILE C 32 12.59 -14.71 2.54
N GLU C 33 11.76 -13.68 2.69
CA GLU C 33 12.26 -12.33 2.92
C GLU C 33 13.12 -12.30 4.17
N SER C 34 12.66 -13.00 5.22
CA SER C 34 13.37 -13.09 6.47
C SER C 34 14.74 -13.75 6.30
N LEU C 35 14.76 -14.88 5.62
CA LEU C 35 16.00 -15.62 5.40
C LEU C 35 17.01 -14.80 4.60
N VAL C 36 16.55 -14.19 3.52
CA VAL C 36 17.43 -13.40 2.66
C VAL C 36 18.05 -12.23 3.40
N LYS C 37 17.23 -11.51 4.18
CA LYS C 37 17.73 -10.36 4.91
C LYS C 37 18.86 -10.76 5.85
N LYS C 38 18.72 -11.91 6.49
CA LYS C 38 19.73 -12.39 7.42
C LYS C 38 21.06 -12.71 6.72
N LEU C 39 21.03 -12.83 5.40
CA LEU C 39 22.18 -13.34 4.66
C LEU C 39 22.91 -12.30 3.79
N LYS C 40 22.38 -11.09 3.71
CA LYS C 40 22.95 -10.08 2.82
C LYS C 40 24.38 -9.70 3.21
N GLU C 41 24.87 -10.28 4.29
CA GLU C 41 26.25 -10.07 4.71
C GLU C 41 27.14 -11.21 4.20
N LYS C 42 26.70 -12.44 4.46
CA LYS C 42 27.42 -13.61 3.98
C LYS C 42 27.02 -13.91 2.54
N LYS C 43 27.45 -13.03 1.64
CA LYS C 43 27.05 -13.10 0.24
C LYS C 43 27.59 -14.35 -0.45
N ASP C 44 28.42 -15.12 0.27
CA ASP C 44 28.86 -16.40 -0.25
C ASP C 44 27.81 -17.45 0.05
N GLU C 45 27.37 -17.51 1.31
CA GLU C 45 26.36 -18.46 1.71
C GLU C 45 25.05 -18.17 0.97
N LEU C 46 24.82 -16.90 0.66
CA LEU C 46 23.64 -16.51 -0.09
C LEU C 46 23.62 -17.14 -1.48
N ASP C 47 24.68 -16.91 -2.25
CA ASP C 47 24.80 -17.52 -3.57
C ASP C 47 24.70 -19.04 -3.47
N SER C 48 25.27 -19.60 -2.40
CA SER C 48 25.20 -21.04 -2.16
C SER C 48 23.75 -21.48 -2.08
N LEU C 49 23.00 -20.81 -1.22
CA LEU C 49 21.57 -21.08 -1.06
C LEU C 49 20.89 -21.02 -2.41
N ILE C 50 21.15 -19.93 -3.13
CA ILE C 50 20.53 -19.66 -4.41
C ILE C 50 20.70 -20.84 -5.37
N THR C 51 21.94 -21.13 -5.73
CA THR C 51 22.22 -22.20 -6.69
C THR C 51 21.62 -23.53 -6.24
N ALA C 52 21.65 -23.78 -4.94
CA ALA C 52 21.11 -25.03 -4.38
C ALA C 52 19.63 -25.22 -4.75
N ILE C 53 18.79 -24.30 -4.32
CA ILE C 53 17.35 -24.39 -4.56
C ILE C 53 16.98 -24.46 -6.05
N THR C 54 17.49 -23.51 -6.82
CA THR C 54 17.13 -23.38 -8.23
C THR C 54 17.40 -24.63 -9.06
N THR C 55 18.38 -25.42 -8.64
CA THR C 55 18.75 -26.61 -9.38
C THR C 55 18.16 -27.85 -8.75
N ASN C 56 17.35 -27.64 -7.72
CA ASN C 56 16.71 -28.74 -7.01
C ASN C 56 17.70 -29.77 -6.48
N GLY C 57 18.91 -29.30 -6.16
CA GLY C 57 19.93 -30.15 -5.57
C GLY C 57 20.88 -30.78 -6.56
N ALA C 58 21.47 -29.95 -7.43
CA ALA C 58 22.44 -30.45 -8.41
C ALA C 58 23.86 -30.36 -7.87
N HIS C 59 24.27 -29.15 -7.50
CA HIS C 59 25.63 -28.91 -7.00
C HIS C 59 25.62 -28.67 -5.49
N PRO C 60 26.24 -29.58 -4.73
CA PRO C 60 26.36 -29.43 -3.27
C PRO C 60 27.08 -28.13 -2.91
N SER C 61 26.48 -27.33 -2.04
CA SER C 61 27.02 -26.01 -1.71
C SER C 61 27.28 -25.82 -0.21
N LYS C 62 27.85 -24.67 0.14
CA LYS C 62 28.19 -24.34 1.52
C LYS C 62 26.97 -24.38 2.43
N CYS C 63 27.23 -24.54 3.73
CA CYS C 63 26.18 -24.39 4.71
C CYS C 63 25.59 -23.00 4.57
N VAL C 64 24.27 -22.90 4.71
CA VAL C 64 23.59 -21.61 4.71
C VAL C 64 22.96 -21.42 6.09
N THR C 65 23.66 -20.71 6.97
CA THR C 65 23.30 -20.67 8.38
C THR C 65 22.69 -19.34 8.84
N ILE C 66 22.03 -19.39 10.00
CA ILE C 66 21.52 -18.18 10.65
C ILE C 66 21.71 -18.28 12.17
N GLN C 67 21.59 -17.15 12.85
CA GLN C 67 21.74 -17.13 14.29
C GLN C 67 20.66 -17.99 14.93
N ARG C 68 21.05 -18.84 15.86
CA ARG C 68 20.12 -19.76 16.54
C ARG C 68 19.50 -19.07 17.75
N THR C 69 18.22 -19.29 17.95
CA THR C 69 17.51 -18.68 19.08
C THR C 69 17.72 -19.46 20.37
N LEU C 70 16.90 -19.17 21.37
CA LEU C 70 16.99 -19.82 22.67
C LEU C 70 16.33 -21.19 22.67
N ASP C 71 15.18 -21.29 22.02
CA ASP C 71 14.47 -22.57 21.95
C ASP C 71 14.58 -23.16 20.56
N GLY C 72 15.41 -22.55 19.72
CA GLY C 72 15.68 -23.07 18.39
C GLY C 72 14.57 -22.85 17.40
N ARG C 73 13.46 -22.28 17.87
CA ARG C 73 12.30 -22.06 17.00
C ARG C 73 12.42 -20.75 16.24
N LEU C 74 11.71 -20.65 15.12
CA LEU C 74 11.69 -19.43 14.32
C LEU C 74 10.25 -19.06 13.97
N GLN C 75 9.81 -17.90 14.41
CA GLN C 75 8.47 -17.46 14.09
C GLN C 75 8.45 -16.80 12.72
N VAL C 76 7.40 -17.10 11.95
CA VAL C 76 7.18 -16.47 10.66
C VAL C 76 5.70 -16.19 10.50
N ALA C 77 5.34 -14.94 10.20
CA ALA C 77 3.95 -14.54 10.09
C ALA C 77 3.09 -15.14 11.20
N GLY C 78 3.63 -15.16 12.42
CA GLY C 78 2.86 -15.59 13.58
C GLY C 78 3.08 -17.03 13.97
N ARG C 79 3.32 -17.90 12.99
CA ARG C 79 3.47 -19.32 13.26
C ARG C 79 4.87 -19.64 13.79
N LYS C 80 4.93 -20.46 14.85
CA LYS C 80 6.20 -20.97 15.35
C LYS C 80 6.56 -22.24 14.60
N GLY C 81 7.86 -22.46 14.40
CA GLY C 81 8.33 -23.64 13.69
C GLY C 81 9.82 -23.77 13.82
N PHE C 82 10.37 -24.87 13.31
CA PHE C 82 11.81 -25.06 13.33
C PHE C 82 12.43 -24.68 11.99
N PRO C 83 13.53 -23.91 12.05
CA PRO C 83 14.14 -23.26 10.89
C PRO C 83 14.36 -24.23 9.74
N HIS C 84 15.26 -25.18 9.92
CA HIS C 84 15.58 -26.15 8.89
C HIS C 84 14.32 -26.77 8.31
N VAL C 85 13.38 -27.13 9.18
CA VAL C 85 12.12 -27.70 8.73
C VAL C 85 11.35 -26.71 7.86
N ILE C 86 11.02 -25.55 8.43
CA ILE C 86 10.28 -24.52 7.71
C ILE C 86 10.74 -24.39 6.26
N TYR C 87 12.05 -24.29 6.06
CA TYR C 87 12.59 -24.03 4.73
C TYR C 87 12.67 -25.29 3.89
N ALA C 88 12.77 -26.44 4.54
CA ALA C 88 12.73 -27.70 3.82
C ALA C 88 11.31 -27.96 3.33
N ARG C 89 10.34 -27.65 4.18
CA ARG C 89 8.93 -27.83 3.84
C ARG C 89 8.55 -26.91 2.70
N LEU C 90 9.30 -25.85 2.53
CA LEU C 90 8.95 -24.80 1.57
C LEU C 90 9.45 -25.11 0.17
N TRP C 91 10.48 -25.93 0.06
CA TRP C 91 11.11 -26.18 -1.23
C TRP C 91 11.22 -27.65 -1.62
N ARG C 92 10.93 -28.54 -0.69
CA ARG C 92 11.08 -29.97 -0.96
C ARG C 92 9.88 -30.81 -0.52
N TRP C 93 9.50 -30.70 0.75
CA TRP C 93 8.41 -31.52 1.28
C TRP C 93 7.33 -30.70 1.96
N PRO C 94 6.25 -30.39 1.22
CA PRO C 94 5.13 -29.55 1.66
C PRO C 94 4.36 -30.12 2.86
N ASP C 95 4.41 -31.43 3.04
CA ASP C 95 3.69 -32.06 4.16
C ASP C 95 4.68 -32.65 5.17
N LEU C 96 5.88 -32.09 5.20
CA LEU C 96 6.94 -32.54 6.09
C LEU C 96 6.50 -32.48 7.55
N HIS C 97 7.00 -33.40 8.36
CA HIS C 97 6.73 -33.40 9.79
C HIS C 97 8.00 -33.23 10.62
N LYS C 98 7.84 -32.65 11.80
CA LYS C 98 8.97 -32.25 12.65
C LYS C 98 10.07 -33.30 12.79
N ASN C 99 9.69 -34.51 13.20
CA ASN C 99 10.67 -35.57 13.47
C ASN C 99 11.25 -36.23 12.22
N GLU C 100 10.60 -36.02 11.08
CA GLU C 100 10.98 -36.72 9.86
C GLU C 100 12.10 -36.01 9.09
N LEU C 101 13.27 -35.88 9.71
CA LEU C 101 14.38 -35.16 9.06
C LEU C 101 15.76 -35.47 9.66
N LYS C 102 16.62 -36.09 8.86
CA LYS C 102 18.00 -36.39 9.27
C LYS C 102 18.98 -35.55 8.47
N HIS C 103 20.05 -35.10 9.12
CA HIS C 103 21.00 -34.19 8.47
C HIS C 103 22.16 -34.89 7.78
N VAL C 104 22.65 -34.26 6.72
CA VAL C 104 23.81 -34.73 5.97
C VAL C 104 25.04 -34.78 6.86
N LYS C 105 25.93 -35.72 6.61
CA LYS C 105 27.10 -35.92 7.47
C LYS C 105 28.28 -34.98 7.15
N TYR C 106 28.14 -34.17 6.10
CA TYR C 106 29.17 -33.18 5.79
C TYR C 106 28.72 -31.76 6.12
N CYS C 107 27.44 -31.62 6.49
CA CYS C 107 26.90 -30.34 6.94
C CYS C 107 27.55 -29.93 8.25
N GLN C 108 28.31 -28.85 8.22
CA GLN C 108 29.04 -28.40 9.40
C GLN C 108 28.11 -27.89 10.50
N TYR C 109 27.23 -26.95 10.16
CA TYR C 109 26.37 -26.31 11.14
C TYR C 109 24.96 -26.87 11.15
N ALA C 110 24.85 -28.19 11.18
CA ALA C 110 23.56 -28.87 11.19
C ALA C 110 22.78 -28.59 12.47
N PHE C 111 21.46 -28.61 12.35
CA PHE C 111 20.59 -28.26 13.48
C PHE C 111 20.90 -29.04 14.74
N ASP C 112 20.95 -30.36 14.62
CA ASP C 112 21.17 -31.23 15.77
C ASP C 112 22.56 -31.05 16.40
N LEU C 113 23.33 -30.08 15.89
CA LEU C 113 24.68 -29.85 16.40
C LEU C 113 24.76 -28.67 17.37
N LYS C 114 23.60 -28.15 17.76
CA LYS C 114 23.50 -27.14 18.81
C LYS C 114 24.62 -26.09 18.78
N CYS C 115 25.00 -25.66 17.58
CA CYS C 115 25.99 -24.61 17.46
C CYS C 115 25.31 -23.26 17.33
N ASP C 116 26.05 -22.18 17.61
CA ASP C 116 25.51 -20.83 17.56
C ASP C 116 24.79 -20.57 16.26
N SER C 117 25.30 -21.13 15.17
CA SER C 117 24.67 -20.98 13.88
C SER C 117 23.94 -22.26 13.49
N VAL C 118 22.94 -22.13 12.63
CA VAL C 118 22.15 -23.27 12.22
C VAL C 118 21.97 -23.28 10.71
N CYS C 119 22.45 -24.35 10.07
CA CYS C 119 22.32 -24.45 8.62
C CYS C 119 20.89 -24.70 8.20
N VAL C 120 20.45 -23.95 7.20
CA VAL C 120 19.08 -24.00 6.74
C VAL C 120 19.02 -24.50 5.31
N ASN C 121 20.18 -24.51 4.65
CA ASN C 121 20.31 -25.16 3.35
C ASN C 121 19.63 -26.53 3.44
N PRO C 122 18.50 -26.68 2.74
CA PRO C 122 17.65 -27.87 2.88
C PRO C 122 18.35 -29.11 2.33
N TYR C 123 19.22 -28.92 1.35
CA TYR C 123 19.96 -30.04 0.79
C TYR C 123 21.13 -30.45 1.68
N HIS C 124 21.12 -29.99 2.93
CA HIS C 124 22.03 -30.50 3.95
C HIS C 124 21.25 -31.38 4.92
N TYR C 125 20.03 -31.71 4.53
CA TYR C 125 19.15 -32.57 5.31
C TYR C 125 18.40 -33.52 4.39
N GLU C 126 18.02 -34.69 4.92
CA GLU C 126 17.30 -35.69 4.15
C GLU C 126 16.14 -36.25 4.96
N ARG C 127 15.03 -36.54 4.30
CA ARG C 127 13.80 -36.98 4.98
C ARG C 127 13.82 -38.44 5.44
N VAL C 128 13.17 -38.73 6.56
CA VAL C 128 13.06 -40.09 7.08
C VAL C 128 11.69 -40.36 7.70
N SER D 4 6.54 -17.57 -13.69
CA SER D 4 5.18 -17.06 -13.74
C SER D 4 5.12 -15.60 -13.31
N ASN D 5 4.31 -15.32 -12.29
CA ASN D 5 4.21 -13.97 -11.73
C ASN D 5 5.48 -13.59 -10.98
N ASP D 6 5.76 -14.33 -9.91
CA ASP D 6 6.99 -14.13 -9.13
C ASP D 6 8.19 -14.05 -10.06
N ALA D 7 8.09 -14.67 -11.22
CA ALA D 7 9.16 -14.65 -12.20
C ALA D 7 9.36 -13.24 -12.75
N CYS D 8 8.28 -12.60 -13.16
CA CYS D 8 8.36 -11.28 -13.76
C CYS D 8 8.93 -10.28 -12.75
N LEU D 9 8.49 -10.41 -11.49
CA LEU D 9 8.92 -9.51 -10.44
C LEU D 9 10.40 -9.68 -10.16
N SER D 10 10.86 -10.93 -10.16
CA SER D 10 12.26 -11.24 -9.99
C SER D 10 13.09 -10.54 -11.06
N ILE D 11 12.59 -10.56 -12.29
CA ILE D 11 13.28 -9.94 -13.41
C ILE D 11 13.30 -8.41 -13.31
N VAL D 12 12.14 -7.84 -13.02
CA VAL D 12 12.00 -6.40 -12.87
C VAL D 12 13.07 -5.84 -11.93
N HIS D 13 13.07 -6.32 -10.70
CA HIS D 13 13.94 -5.76 -9.66
C HIS D 13 15.42 -5.97 -9.98
N SER D 14 15.73 -7.08 -10.65
CA SER D 14 17.09 -7.32 -11.09
C SER D 14 17.51 -6.20 -12.04
N LEU D 15 16.69 -5.96 -13.05
CA LEU D 15 16.97 -4.91 -14.02
C LEU D 15 17.05 -3.54 -13.36
N MET D 16 16.38 -3.39 -12.22
CA MET D 16 16.45 -2.15 -11.46
C MET D 16 17.87 -1.86 -11.00
N CYS D 17 18.62 -2.91 -10.63
CA CYS D 17 19.97 -2.75 -10.13
C CYS D 17 20.91 -2.14 -11.16
N HIS D 18 20.55 -2.30 -12.44
CA HIS D 18 21.41 -1.81 -13.50
C HIS D 18 20.98 -0.43 -13.99
N ARG D 19 19.90 0.09 -13.41
CA ARG D 19 19.46 1.43 -13.77
C ARG D 19 20.52 2.44 -13.37
N GLN D 20 20.80 3.39 -14.25
CA GLN D 20 21.85 4.37 -14.01
C GLN D 20 21.31 5.60 -13.28
N GLY D 21 20.22 5.41 -12.55
CA GLY D 21 19.61 6.47 -11.77
C GLY D 21 19.16 7.65 -12.62
N GLY D 22 19.06 7.43 -13.93
CA GLY D 22 18.65 8.48 -14.85
C GLY D 22 17.34 9.13 -14.46
N GLU D 23 16.41 8.34 -13.94
CA GLU D 23 15.11 8.83 -13.51
C GLU D 23 14.85 8.45 -12.06
N SER D 24 13.67 8.80 -11.56
CA SER D 24 13.31 8.45 -10.21
C SER D 24 13.20 6.94 -10.07
N GLU D 25 13.20 6.45 -8.83
CA GLU D 25 13.05 5.02 -8.59
C GLU D 25 11.71 4.50 -9.09
N THR D 26 10.62 5.16 -8.68
CA THR D 26 9.30 4.71 -9.09
C THR D 26 9.18 4.70 -10.61
N PHE D 27 9.49 5.82 -11.24
CA PHE D 27 9.38 5.92 -12.69
C PHE D 27 10.06 4.71 -13.34
N ALA D 28 11.29 4.46 -12.92
CA ALA D 28 12.06 3.34 -13.44
C ALA D 28 11.27 2.03 -13.32
N LYS D 29 10.76 1.75 -12.13
CA LYS D 29 10.03 0.50 -11.91
C LYS D 29 8.83 0.43 -12.84
N ARG D 30 8.09 1.52 -12.96
CA ARG D 30 6.91 1.55 -13.82
C ARG D 30 7.31 1.25 -15.26
N ALA D 31 8.37 1.90 -15.72
CA ALA D 31 8.83 1.70 -17.09
C ALA D 31 9.33 0.28 -17.33
N ILE D 32 9.93 -0.33 -16.32
CA ILE D 32 10.44 -1.69 -16.46
C ILE D 32 9.31 -2.70 -16.35
N GLU D 33 8.39 -2.47 -15.42
CA GLU D 33 7.22 -3.33 -15.26
C GLU D 33 6.45 -3.39 -16.56
N SER D 34 6.30 -2.25 -17.21
CA SER D 34 5.59 -2.14 -18.47
C SER D 34 6.27 -2.96 -19.57
N LEU D 35 7.59 -2.81 -19.69
CA LEU D 35 8.34 -3.52 -20.70
C LEU D 35 8.27 -5.03 -20.51
N VAL D 36 8.47 -5.48 -19.28
CA VAL D 36 8.47 -6.90 -18.97
C VAL D 36 7.13 -7.55 -19.27
N LYS D 37 6.04 -6.88 -18.87
CA LYS D 37 4.72 -7.42 -19.11
C LYS D 37 4.48 -7.65 -20.61
N LYS D 38 4.96 -6.73 -21.43
CA LYS D 38 4.77 -6.83 -22.87
C LYS D 38 5.52 -8.02 -23.46
N LEU D 39 6.45 -8.58 -22.70
CA LEU D 39 7.37 -9.58 -23.23
C LEU D 39 7.17 -11.00 -22.71
N LYS D 40 6.27 -11.19 -21.74
CA LYS D 40 6.10 -12.49 -21.12
C LYS D 40 5.63 -13.55 -22.11
N GLU D 41 5.40 -13.15 -23.35
CA GLU D 41 5.04 -14.08 -24.41
C GLU D 41 6.28 -14.49 -25.20
N LYS D 42 7.03 -13.50 -25.64
CA LYS D 42 8.28 -13.74 -26.36
C LYS D 42 9.40 -13.99 -25.36
N LYS D 43 9.33 -15.13 -24.69
CA LYS D 43 10.26 -15.46 -23.63
C LYS D 43 11.69 -15.64 -24.16
N ASP D 44 11.85 -15.60 -25.47
CA ASP D 44 13.19 -15.61 -26.05
C ASP D 44 13.76 -14.19 -26.03
N GLU D 45 12.98 -13.23 -26.53
CA GLU D 45 13.40 -11.85 -26.54
C GLU D 45 13.60 -11.34 -25.11
N LEU D 46 12.80 -11.86 -24.19
CA LEU D 46 12.91 -11.52 -22.78
C LEU D 46 14.29 -11.89 -22.24
N ASP D 47 14.67 -13.16 -22.36
CA ASP D 47 15.98 -13.60 -21.92
C ASP D 47 17.07 -12.79 -22.62
N SER D 48 16.83 -12.46 -23.89
CA SER D 48 17.78 -11.67 -24.66
C SER D 48 18.01 -10.33 -23.97
N LEU D 49 16.90 -9.65 -23.68
CA LEU D 49 16.95 -8.39 -22.97
C LEU D 49 17.72 -8.54 -21.67
N ILE D 50 17.35 -9.57 -20.91
CA ILE D 50 17.95 -9.82 -19.61
C ILE D 50 19.47 -9.87 -19.69
N THR D 51 19.99 -10.86 -20.42
CA THR D 51 21.43 -11.04 -20.51
C THR D 51 22.12 -9.77 -20.99
N ALA D 52 21.47 -9.06 -21.91
CA ALA D 52 22.06 -7.85 -22.47
C ALA D 52 22.38 -6.83 -21.39
N ILE D 53 21.36 -6.39 -20.67
CA ILE D 53 21.51 -5.36 -19.64
C ILE D 53 22.50 -5.76 -18.54
N THR D 54 22.29 -6.94 -17.97
CA THR D 54 23.07 -7.40 -16.82
C THR D 54 24.57 -7.44 -17.07
N THR D 55 24.96 -7.64 -18.33
CA THR D 55 26.36 -7.75 -18.68
C THR D 55 26.88 -6.43 -19.25
N ASN D 56 26.02 -5.42 -19.24
CA ASN D 56 26.38 -4.11 -19.76
C ASN D 56 26.88 -4.16 -21.21
N GLY D 57 26.37 -5.12 -21.97
CA GLY D 57 26.69 -5.24 -23.38
C GLY D 57 27.85 -6.16 -23.68
N ALA D 58 27.80 -7.38 -23.16
CA ALA D 58 28.85 -8.36 -23.42
C ALA D 58 28.51 -9.22 -24.64
N HIS D 59 27.38 -9.91 -24.57
CA HIS D 59 26.95 -10.79 -25.65
C HIS D 59 25.80 -10.18 -26.44
N PRO D 60 26.03 -9.86 -27.72
CA PRO D 60 24.99 -9.32 -28.61
C PRO D 60 23.80 -10.28 -28.69
N SER D 61 22.59 -9.77 -28.47
CA SER D 61 21.40 -10.62 -28.41
C SER D 61 20.31 -10.19 -29.41
N LYS D 62 19.24 -10.98 -29.45
CA LYS D 62 18.12 -10.71 -30.35
C LYS D 62 17.50 -9.33 -30.12
N CYS D 63 16.81 -8.83 -31.14
CA CYS D 63 16.01 -7.63 -30.97
C CYS D 63 15.01 -7.87 -29.86
N VAL D 64 14.78 -6.86 -29.05
CA VAL D 64 13.75 -6.91 -28.01
C VAL D 64 12.70 -5.87 -28.34
N THR D 65 11.62 -6.30 -28.99
CA THR D 65 10.66 -5.38 -29.59
C THR D 65 9.32 -5.27 -28.86
N ILE D 66 8.59 -4.21 -29.13
CA ILE D 66 7.22 -4.05 -28.64
C ILE D 66 6.34 -3.43 -29.72
N GLN D 67 5.03 -3.53 -29.53
CA GLN D 67 4.09 -2.95 -30.50
C GLN D 67 4.27 -1.44 -30.57
N ARG D 68 4.35 -0.92 -31.79
CA ARG D 68 4.57 0.49 -32.01
C ARG D 68 3.24 1.24 -32.01
N THR D 69 3.21 2.41 -31.39
CA THR D 69 1.99 3.22 -31.34
C THR D 69 1.79 4.04 -32.61
N LEU D 70 0.88 5.01 -32.55
CA LEU D 70 0.55 5.84 -33.70
C LEU D 70 1.56 6.95 -33.90
N ASP D 71 1.99 7.57 -32.80
CA ASP D 71 2.98 8.63 -32.88
C ASP D 71 4.35 8.15 -32.39
N GLY D 72 4.45 6.84 -32.14
CA GLY D 72 5.72 6.24 -31.77
C GLY D 72 6.12 6.52 -30.33
N ARG D 73 5.35 7.33 -29.64
CA ARG D 73 5.66 7.68 -28.27
C ARG D 73 5.14 6.63 -27.27
N LEU D 74 5.76 6.60 -26.08
CA LEU D 74 5.33 5.69 -25.04
C LEU D 74 5.21 6.44 -23.72
N GLN D 75 4.01 6.47 -23.16
CA GLN D 75 3.82 7.13 -21.90
C GLN D 75 4.18 6.21 -20.74
N VAL D 76 4.84 6.77 -19.73
CA VAL D 76 5.19 6.04 -18.52
C VAL D 76 5.01 6.97 -17.33
N ALA D 77 4.22 6.54 -16.35
CA ALA D 77 3.93 7.37 -15.19
C ALA D 77 3.63 8.81 -15.58
N GLY D 78 2.89 9.00 -16.65
CA GLY D 78 2.45 10.32 -17.06
C GLY D 78 3.32 10.98 -18.12
N ARG D 79 4.62 10.71 -18.07
CA ARG D 79 5.54 11.36 -19.01
C ARG D 79 5.53 10.70 -20.38
N LYS D 80 5.49 11.52 -21.43
CA LYS D 80 5.60 11.03 -22.80
C LYS D 80 7.06 10.97 -23.17
N GLY D 81 7.42 10.00 -24.00
CA GLY D 81 8.80 9.83 -24.42
C GLY D 81 8.89 8.82 -25.53
N PHE D 82 10.08 8.64 -26.07
CA PHE D 82 10.29 7.64 -27.10
C PHE D 82 10.89 6.36 -26.53
N PRO D 83 10.31 5.21 -26.92
CA PRO D 83 10.59 3.90 -26.34
C PRO D 83 12.08 3.63 -26.23
N HIS D 84 12.73 3.46 -27.37
CA HIS D 84 14.15 3.15 -27.39
C HIS D 84 14.94 4.12 -26.51
N VAL D 85 14.62 5.40 -26.60
CA VAL D 85 15.27 6.39 -25.76
C VAL D 85 15.03 6.12 -24.28
N ILE D 86 13.77 6.11 -23.87
CA ILE D 86 13.40 5.88 -22.48
C ILE D 86 14.26 4.78 -21.86
N TYR D 87 14.36 3.65 -22.54
CA TYR D 87 15.06 2.50 -21.97
C TYR D 87 16.56 2.59 -22.10
N ALA D 88 17.04 3.35 -23.08
CA ALA D 88 18.46 3.60 -23.22
C ALA D 88 18.91 4.55 -22.11
N ARG D 89 18.07 5.56 -21.85
CA ARG D 89 18.35 6.54 -20.81
C ARG D 89 18.37 5.88 -19.44
N LEU D 90 17.67 4.75 -19.34
CA LEU D 90 17.48 4.09 -18.06
C LEU D 90 18.63 3.18 -17.67
N TRP D 91 19.39 2.72 -18.66
CA TRP D 91 20.44 1.74 -18.40
C TRP D 91 21.83 2.13 -18.91
N ARG D 92 21.91 3.19 -19.71
CA ARG D 92 23.18 3.58 -20.31
C ARG D 92 23.47 5.08 -20.17
N TRP D 93 22.57 5.93 -20.65
CA TRP D 93 22.80 7.36 -20.63
C TRP D 93 21.67 8.15 -19.95
N PRO D 94 21.86 8.46 -18.66
CA PRO D 94 20.88 9.14 -17.82
C PRO D 94 20.52 10.56 -18.29
N ASP D 95 21.41 11.19 -19.04
CA ASP D 95 21.15 12.55 -19.54
C ASP D 95 20.99 12.54 -21.06
N LEU D 96 20.60 11.39 -21.61
CA LEU D 96 20.44 11.23 -23.04
C LEU D 96 19.42 12.23 -23.60
N HIS D 97 19.64 12.65 -24.85
CA HIS D 97 18.71 13.53 -25.53
C HIS D 97 18.11 12.88 -26.77
N LYS D 98 16.91 13.31 -27.12
CA LYS D 98 16.12 12.68 -28.17
C LYS D 98 16.88 12.38 -29.46
N ASN D 99 17.52 13.41 -30.03
CA ASN D 99 18.21 13.26 -31.31
C ASN D 99 19.53 12.53 -31.24
N GLU D 100 20.09 12.39 -30.04
CA GLU D 100 21.42 11.83 -29.88
C GLU D 100 21.42 10.31 -29.80
N LEU D 101 20.97 9.64 -30.89
CA LEU D 101 20.90 8.18 -30.88
C LEU D 101 20.81 7.55 -32.28
N LYS D 102 21.85 6.81 -32.65
CA LYS D 102 21.89 6.09 -33.92
C LYS D 102 21.81 4.58 -33.70
N HIS D 103 21.10 3.87 -34.57
CA HIS D 103 20.87 2.44 -34.37
C HIS D 103 21.90 1.55 -35.05
N VAL D 104 22.11 0.39 -34.43
CA VAL D 104 23.01 -0.63 -34.96
C VAL D 104 22.53 -1.12 -36.32
N LYS D 105 23.47 -1.50 -37.18
CA LYS D 105 23.13 -1.88 -38.54
C LYS D 105 22.68 -3.33 -38.70
N TYR D 106 22.72 -4.09 -37.60
CA TYR D 106 22.21 -5.47 -37.62
C TYR D 106 20.89 -5.60 -36.87
N CYS D 107 20.48 -4.52 -36.20
CA CYS D 107 19.18 -4.47 -35.53
C CYS D 107 18.06 -4.52 -36.55
N GLN D 108 17.28 -5.60 -36.53
CA GLN D 108 16.22 -5.79 -37.50
C GLN D 108 15.07 -4.79 -37.33
N TYR D 109 14.54 -4.71 -36.12
CA TYR D 109 13.37 -3.87 -35.86
C TYR D 109 13.72 -2.54 -35.20
N ALA D 110 14.73 -1.85 -35.75
CA ALA D 110 15.16 -0.56 -35.24
C ALA D 110 14.08 0.50 -35.35
N PHE D 111 14.11 1.47 -34.44
CA PHE D 111 13.09 2.49 -34.39
C PHE D 111 12.89 3.22 -35.72
N ASP D 112 13.99 3.71 -36.30
CA ASP D 112 13.92 4.48 -37.54
C ASP D 112 13.45 3.64 -38.73
N LEU D 113 13.06 2.40 -38.48
CA LEU D 113 12.63 1.52 -39.56
C LEU D 113 11.11 1.38 -39.66
N LYS D 114 10.41 2.21 -38.89
CA LYS D 114 8.95 2.34 -39.00
C LYS D 114 8.22 1.01 -39.22
N CYS D 115 8.67 -0.04 -38.55
CA CYS D 115 7.99 -1.33 -38.64
C CYS D 115 7.00 -1.47 -37.49
N ASP D 116 6.04 -2.38 -37.65
CA ASP D 116 5.01 -2.59 -36.64
C ASP D 116 5.61 -2.79 -35.25
N SER D 117 6.76 -3.45 -35.20
CA SER D 117 7.45 -3.65 -33.93
C SER D 117 8.65 -2.72 -33.83
N VAL D 118 9.05 -2.42 -32.59
CA VAL D 118 10.16 -1.50 -32.35
C VAL D 118 11.12 -2.08 -31.33
N CYS D 119 12.36 -2.29 -31.75
CA CYS D 119 13.36 -2.83 -30.85
C CYS D 119 13.74 -1.82 -29.77
N VAL D 120 13.80 -2.30 -28.55
CA VAL D 120 14.07 -1.46 -27.39
C VAL D 120 15.37 -1.89 -26.73
N ASN D 121 15.85 -3.08 -27.09
CA ASN D 121 17.19 -3.49 -26.68
C ASN D 121 18.14 -2.34 -26.92
N PRO D 122 18.66 -1.74 -25.83
CA PRO D 122 19.43 -0.50 -25.93
C PRO D 122 20.76 -0.73 -26.63
N TYR D 123 21.29 -1.96 -26.52
CA TYR D 123 22.55 -2.27 -27.17
C TYR D 123 22.35 -2.55 -28.66
N HIS D 124 21.20 -2.14 -29.20
CA HIS D 124 20.98 -2.13 -30.64
C HIS D 124 21.00 -0.69 -31.13
N TYR D 125 21.45 0.19 -30.24
CA TYR D 125 21.55 1.61 -30.53
C TYR D 125 22.86 2.16 -29.95
N GLU D 126 23.38 3.22 -30.56
CA GLU D 126 24.60 3.86 -30.07
C GLU D 126 24.46 5.38 -30.08
N ARG D 127 25.06 6.05 -29.09
CA ARG D 127 24.88 7.49 -28.89
C ARG D 127 25.71 8.33 -29.86
N VAL D 128 25.18 9.49 -30.24
CA VAL D 128 25.88 10.43 -31.11
C VAL D 128 25.63 11.88 -30.72
#